data_8JUX
#
_entry.id   8JUX
#
_cell.length_a   99.830
_cell.length_b   99.830
_cell.length_c   295.872
_cell.angle_alpha   90.00
_cell.angle_beta   90.00
_cell.angle_gamma   120.00
#
_symmetry.space_group_name_H-M   'P 65 2 2'
#
loop_
_entity.id
_entity.type
_entity.pdbx_description
1 polymer 'Non-structural protein 7'
2 non-polymer 'MAGNESIUM ION'
3 non-polymer ~{N}-[(3-fluorophenyl)methyl]-1-[(1~{R})-1-(3-methoxynaphthalen-1-yl)ethyl]piperidine-4-carboxamide
4 water water
#
_entity_poly.entity_id   1
_entity_poly.type   'polypeptide(L)'
_entity_poly.pdbx_seq_one_letter_code
;EVRTIKVFTTVDNINLHTQVVDMSMTYGQQFGPTYLDGADVTKIKPHNSHEGKTFYVLPNDDTLRVEAFEYYHTTDPSFL
GRYMSALNHTKKWKYPQVNGLTSIKWADNNSYLATALLTLQQIELKFNPPALQDAYYRARAGEAANFCALILAYCNKTVG
ELGDVRETMSYLFQHANLDSCKRVLNVVCKTCGQQQTTLKGVEAVMYMGTLSYEQFKKGVQIPCTCGKQATKYLVQQESP
FVMMSAPPAQYELKHGTFTCASEYTGNYQCGHYKHITSKETLYCIDGALLTKSSEYKGPITDVFYKENSYTTTIKPV
;
_entity_poly.pdbx_strand_id   A,B
#
# COMPACT_ATOMS: atom_id res chain seq x y z
N VAL A 2 -16.51 -42.94 -21.81
CA VAL A 2 -16.17 -41.64 -21.25
C VAL A 2 -17.37 -40.72 -21.15
N ARG A 3 -17.72 -40.31 -19.93
CA ARG A 3 -18.84 -39.40 -19.71
C ARG A 3 -18.33 -37.97 -19.54
N THR A 4 -19.23 -37.02 -19.78
CA THR A 4 -18.82 -35.62 -19.91
C THR A 4 -19.91 -34.67 -19.44
N ILE A 5 -19.50 -33.50 -18.95
CA ILE A 5 -20.45 -32.43 -18.65
C ILE A 5 -19.94 -31.12 -19.26
N LYS A 6 -20.86 -30.18 -19.42
CA LYS A 6 -20.53 -28.84 -19.90
C LYS A 6 -20.53 -27.86 -18.75
N VAL A 7 -19.44 -27.11 -18.61
CA VAL A 7 -19.33 -26.09 -17.57
C VAL A 7 -18.85 -24.79 -18.22
N PHE A 8 -18.80 -23.74 -17.41
CA PHE A 8 -18.25 -22.46 -17.78
C PHE A 8 -17.05 -22.15 -16.88
N THR A 9 -16.02 -21.51 -17.43
CA THR A 9 -14.89 -21.05 -16.65
C THR A 9 -14.72 -19.55 -16.86
N THR A 10 -14.28 -18.86 -15.82
CA THR A 10 -14.15 -17.41 -15.90
C THR A 10 -13.11 -16.94 -14.90
N VAL A 11 -12.66 -15.72 -15.10
CA VAL A 11 -11.86 -15.00 -14.11
C VAL A 11 -12.52 -13.71 -13.64
N ASP A 12 -13.58 -13.26 -14.31
CA ASP A 12 -14.23 -12.01 -13.94
C ASP A 12 -15.75 -12.14 -13.79
N ASN A 13 -16.31 -13.34 -13.94
CA ASN A 13 -17.75 -13.58 -13.93
C ASN A 13 -18.49 -12.80 -14.99
N ILE A 14 -17.80 -12.24 -15.98
CA ILE A 14 -18.40 -11.51 -17.08
C ILE A 14 -18.23 -12.25 -18.39
N ASN A 15 -16.99 -12.62 -18.71
CA ASN A 15 -16.66 -13.40 -19.89
C ASN A 15 -16.58 -14.86 -19.47
N LEU A 16 -17.60 -15.64 -19.83
CA LEU A 16 -17.64 -17.06 -19.54
C LEU A 16 -17.08 -17.84 -20.72
N HIS A 17 -16.47 -18.98 -20.44
CA HIS A 17 -15.82 -19.82 -21.46
C HIS A 17 -16.41 -21.22 -21.37
N THR A 18 -16.99 -21.68 -22.48
CA THR A 18 -17.56 -23.03 -22.53
C THR A 18 -16.44 -24.05 -22.42
N GLN A 19 -16.68 -25.07 -21.59
CA GLN A 19 -15.69 -26.11 -21.37
C GLN A 19 -16.35 -27.48 -21.30
N VAL A 20 -15.72 -28.43 -21.96
CA VAL A 20 -16.08 -29.84 -21.87
C VAL A 20 -15.21 -30.47 -20.80
N VAL A 21 -15.83 -31.08 -19.80
CA VAL A 21 -15.12 -31.62 -18.65
C VAL A 21 -15.36 -33.13 -18.59
N ASP A 22 -14.26 -33.90 -18.50
CA ASP A 22 -14.31 -35.34 -18.28
C ASP A 22 -14.60 -35.61 -16.81
N MET A 23 -15.64 -36.41 -16.55
CA MET A 23 -16.04 -36.64 -15.17
C MET A 23 -15.20 -37.69 -14.46
N SER A 24 -14.23 -38.31 -15.15
CA SER A 24 -13.34 -39.29 -14.57
C SER A 24 -12.04 -38.69 -14.04
N MET A 25 -11.82 -37.39 -14.23
CA MET A 25 -10.65 -36.67 -13.73
C MET A 25 -11.11 -35.62 -12.72
N THR A 26 -10.16 -34.92 -12.10
CA THR A 26 -10.47 -33.82 -11.20
C THR A 26 -10.33 -32.49 -11.93
N TYR A 27 -10.95 -31.46 -11.34
CA TYR A 27 -10.90 -30.11 -11.91
C TYR A 27 -9.46 -29.58 -11.96
N GLY A 28 -8.62 -29.99 -11.01
CA GLY A 28 -7.24 -29.54 -11.02
C GLY A 28 -6.45 -30.10 -12.18
N GLN A 29 -6.78 -31.32 -12.61
CA GLN A 29 -6.06 -31.93 -13.72
C GLN A 29 -6.41 -31.26 -15.05
N GLN A 30 -7.64 -30.77 -15.19
CA GLN A 30 -8.11 -30.26 -16.47
C GLN A 30 -8.06 -28.73 -16.58
N PHE A 31 -8.17 -28.00 -15.46
CA PHE A 31 -8.19 -26.55 -15.51
C PHE A 31 -7.06 -25.89 -14.73
N GLY A 32 -6.45 -26.60 -13.78
CA GLY A 32 -5.61 -25.98 -12.79
C GLY A 32 -6.42 -25.71 -11.55
N PRO A 33 -5.94 -24.79 -10.71
CA PRO A 33 -6.72 -24.43 -9.50
C PRO A 33 -8.07 -23.86 -9.88
N THR A 34 -9.13 -24.56 -9.48
CA THR A 34 -10.49 -24.20 -9.85
C THR A 34 -11.31 -23.93 -8.60
N TYR A 35 -12.15 -22.89 -8.65
CA TYR A 35 -12.97 -22.51 -7.51
C TYR A 35 -14.42 -22.44 -7.94
N LEU A 36 -15.30 -22.92 -7.07
CA LEU A 36 -16.74 -22.91 -7.30
C LEU A 36 -17.41 -22.12 -6.17
N ASP A 37 -17.78 -20.87 -6.48
CA ASP A 37 -18.42 -19.97 -5.52
C ASP A 37 -17.56 -19.80 -4.27
N GLY A 38 -16.27 -19.57 -4.48
CA GLY A 38 -15.33 -19.39 -3.40
C GLY A 38 -14.72 -20.68 -2.87
N ALA A 39 -15.37 -21.81 -3.13
CA ALA A 39 -14.90 -23.11 -2.66
C ALA A 39 -13.86 -23.71 -3.61
N ASP A 40 -12.82 -24.32 -3.03
CA ASP A 40 -11.75 -24.95 -3.81
C ASP A 40 -12.20 -26.33 -4.27
N VAL A 41 -12.26 -26.53 -5.58
CA VAL A 41 -12.67 -27.81 -6.16
C VAL A 41 -11.57 -28.39 -7.03
N THR A 42 -10.32 -28.04 -6.73
CA THR A 42 -9.19 -28.58 -7.49
C THR A 42 -9.06 -30.09 -7.31
N LYS A 43 -9.32 -30.60 -6.10
CA LYS A 43 -9.19 -32.02 -5.80
C LYS A 43 -10.47 -32.81 -6.04
N ILE A 44 -11.55 -32.16 -6.46
CA ILE A 44 -12.86 -32.80 -6.62
C ILE A 44 -13.10 -33.13 -8.08
N LYS A 45 -13.78 -34.25 -8.32
CA LYS A 45 -14.16 -34.69 -9.65
C LYS A 45 -15.54 -34.12 -10.00
N PRO A 46 -15.77 -33.78 -11.28
CA PRO A 46 -17.05 -33.19 -11.68
C PRO A 46 -18.24 -34.06 -11.28
N HIS A 47 -19.19 -33.44 -10.59
CA HIS A 47 -20.47 -34.05 -10.23
C HIS A 47 -21.55 -33.65 -11.24
N ASN A 48 -22.61 -34.45 -11.27
CA ASN A 48 -23.70 -34.20 -12.22
C ASN A 48 -24.35 -32.85 -11.97
N SER A 49 -24.39 -32.41 -10.71
CA SER A 49 -24.96 -31.10 -10.37
C SER A 49 -24.15 -29.94 -10.93
N HIS A 50 -22.87 -30.14 -11.25
CA HIS A 50 -22.02 -29.06 -11.76
C HIS A 50 -22.37 -28.67 -13.20
N GLU A 51 -23.33 -29.33 -13.83
CA GLU A 51 -23.67 -29.01 -15.21
C GLU A 51 -24.19 -27.58 -15.33
N GLY A 52 -23.68 -26.86 -16.32
CA GLY A 52 -24.09 -25.50 -16.60
C GLY A 52 -23.66 -24.43 -15.61
N LYS A 53 -22.85 -24.77 -14.60
CA LYS A 53 -22.40 -23.83 -13.59
C LYS A 53 -21.05 -23.22 -13.96
N THR A 54 -20.76 -22.06 -13.34
CA THR A 54 -19.57 -21.28 -13.64
C THR A 54 -18.50 -21.46 -12.57
N PHE A 55 -17.25 -21.61 -13.01
CA PHE A 55 -16.11 -21.90 -12.15
C PHE A 55 -15.04 -20.84 -12.36
N TYR A 56 -14.42 -20.42 -11.26
CA TYR A 56 -13.26 -19.53 -11.33
C TYR A 56 -11.99 -20.34 -11.46
N VAL A 57 -11.08 -19.86 -12.31
CA VAL A 57 -9.80 -20.51 -12.53
C VAL A 57 -8.72 -19.44 -12.51
N LEU A 58 -7.49 -19.89 -12.42
CA LEU A 58 -6.40 -18.94 -12.49
C LEU A 58 -6.19 -18.50 -13.92
N PRO A 59 -5.70 -17.29 -14.14
CA PRO A 59 -5.38 -16.84 -15.49
C PRO A 59 -4.23 -17.65 -16.11
N ASN A 60 -4.55 -18.82 -16.68
CA ASN A 60 -3.52 -19.71 -17.23
C ASN A 60 -3.07 -19.30 -18.63
N ASP A 61 -3.98 -18.84 -19.49
CA ASP A 61 -3.63 -18.37 -20.82
C ASP A 61 -3.64 -16.84 -20.89
N ASP A 62 -3.22 -16.29 -22.04
CA ASP A 62 -3.03 -14.85 -22.16
C ASP A 62 -4.35 -14.09 -22.15
N THR A 63 -5.38 -14.62 -22.82
CA THR A 63 -6.68 -13.94 -22.85
C THR A 63 -7.27 -13.82 -21.43
N LEU A 64 -7.12 -14.87 -20.61
CA LEU A 64 -7.60 -14.80 -19.24
C LEU A 64 -6.84 -13.76 -18.42
N ARG A 65 -5.52 -13.65 -18.64
CA ARG A 65 -4.75 -12.61 -17.95
C ARG A 65 -5.26 -11.22 -18.34
N VAL A 66 -5.56 -11.01 -19.62
CA VAL A 66 -6.07 -9.72 -20.06
C VAL A 66 -7.41 -9.43 -19.40
N GLU A 67 -8.30 -10.43 -19.37
CA GLU A 67 -9.61 -10.24 -18.73
C GLU A 67 -9.47 -9.95 -17.24
N ALA A 68 -8.57 -10.68 -16.57
CA ALA A 68 -8.39 -10.49 -15.14
C ALA A 68 -7.83 -9.11 -14.83
N PHE A 69 -6.91 -8.62 -15.67
CA PHE A 69 -6.40 -7.27 -15.43
C PHE A 69 -7.45 -6.21 -15.73
N GLU A 70 -8.23 -6.39 -16.79
CA GLU A 70 -9.30 -5.44 -17.10
C GLU A 70 -10.30 -5.34 -15.96
N TYR A 71 -10.49 -6.44 -15.21
CA TYR A 71 -11.47 -6.42 -14.13
C TYR A 71 -10.90 -5.96 -12.79
N TYR A 72 -9.68 -6.36 -12.43
CA TYR A 72 -9.17 -6.13 -11.09
C TYR A 72 -8.09 -5.05 -11.02
N HIS A 73 -7.47 -4.71 -12.15
CA HIS A 73 -6.41 -3.69 -12.22
C HIS A 73 -5.21 -4.11 -11.36
N THR A 74 -4.75 -5.34 -11.58
CA THR A 74 -3.55 -5.84 -10.90
C THR A 74 -2.97 -6.98 -11.74
N THR A 75 -1.65 -7.09 -11.69
CA THR A 75 -0.91 -8.15 -12.36
C THR A 75 -0.57 -9.32 -11.44
N ASP A 76 -0.77 -9.17 -10.11
CA ASP A 76 -0.47 -10.21 -9.12
C ASP A 76 -1.18 -11.49 -9.51
N PRO A 77 -0.45 -12.55 -9.86
CA PRO A 77 -1.12 -13.81 -10.24
C PRO A 77 -1.82 -14.47 -9.08
N SER A 78 -1.35 -14.25 -7.86
CA SER A 78 -1.99 -14.81 -6.68
C SER A 78 -3.26 -14.07 -6.28
N PHE A 79 -3.51 -12.91 -6.89
CA PHE A 79 -4.65 -12.07 -6.47
C PHE A 79 -5.95 -12.85 -6.52
N LEU A 80 -6.19 -13.58 -7.61
CA LEU A 80 -7.43 -14.34 -7.72
C LEU A 80 -7.47 -15.44 -6.67
N GLY A 81 -6.34 -16.10 -6.43
CA GLY A 81 -6.31 -17.12 -5.40
C GLY A 81 -6.60 -16.54 -4.03
N ARG A 82 -5.97 -15.42 -3.69
CA ARG A 82 -6.21 -14.77 -2.41
C ARG A 82 -7.66 -14.30 -2.28
N TYR A 83 -8.22 -13.74 -3.35
CA TYR A 83 -9.62 -13.31 -3.35
C TYR A 83 -10.56 -14.47 -3.11
N MET A 84 -10.34 -15.59 -3.80
CA MET A 84 -11.20 -16.75 -3.62
C MET A 84 -11.05 -17.35 -2.23
N SER A 85 -9.82 -17.39 -1.71
CA SER A 85 -9.60 -17.89 -0.36
C SER A 85 -10.31 -17.01 0.66
N ALA A 86 -10.25 -15.69 0.48
CA ALA A 86 -10.96 -14.78 1.38
C ALA A 86 -12.47 -14.97 1.26
N LEU A 87 -12.98 -15.10 0.04
CA LEU A 87 -14.42 -15.27 -0.16
C LEU A 87 -14.92 -16.55 0.48
N ASN A 88 -14.11 -17.62 0.48
CA ASN A 88 -14.52 -18.86 1.11
C ASN A 88 -14.91 -18.66 2.58
N HIS A 89 -14.35 -17.64 3.25
CA HIS A 89 -14.69 -17.30 4.63
C HIS A 89 -15.71 -16.17 4.73
N THR A 90 -15.55 -15.13 3.92
CA THR A 90 -16.46 -13.99 3.99
C THR A 90 -17.86 -14.35 3.53
N LYS A 91 -18.04 -15.43 2.78
CA LYS A 91 -19.39 -15.85 2.43
C LYS A 91 -20.15 -16.36 3.65
N LYS A 92 -19.45 -16.74 4.72
CA LYS A 92 -20.06 -17.25 5.94
C LYS A 92 -20.32 -16.16 6.97
N TRP A 93 -19.92 -14.93 6.67
CA TRP A 93 -20.15 -13.81 7.56
C TRP A 93 -21.59 -13.30 7.40
N LYS A 94 -22.00 -12.50 8.36
CA LYS A 94 -23.31 -11.86 8.37
C LYS A 94 -23.15 -10.37 8.12
N TYR A 95 -24.05 -9.78 7.34
CA TYR A 95 -23.98 -8.38 6.95
C TYR A 95 -25.31 -7.69 7.23
N PRO A 96 -25.58 -7.35 8.50
CA PRO A 96 -26.87 -6.75 8.84
C PRO A 96 -26.96 -5.26 8.55
N GLN A 97 -28.17 -4.84 8.17
CA GLN A 97 -28.45 -3.42 7.99
C GLN A 97 -28.56 -2.77 9.36
N VAL A 98 -27.59 -1.92 9.68
CA VAL A 98 -27.53 -1.23 10.97
C VAL A 98 -27.63 0.26 10.68
N ASN A 99 -28.80 0.84 10.94
CA ASN A 99 -29.01 2.28 10.79
C ASN A 99 -28.80 2.73 9.34
N GLY A 100 -29.33 1.97 8.38
CA GLY A 100 -29.23 2.33 6.98
C GLY A 100 -27.92 1.99 6.32
N LEU A 101 -26.98 1.40 7.04
CA LEU A 101 -25.67 1.03 6.51
C LEU A 101 -25.47 -0.47 6.68
N THR A 102 -24.65 -1.04 5.81
CA THR A 102 -24.30 -2.45 5.88
C THR A 102 -23.09 -2.61 6.79
N SER A 103 -23.23 -3.41 7.84
CA SER A 103 -22.16 -3.66 8.79
C SER A 103 -21.74 -5.12 8.68
N ILE A 104 -20.90 -5.59 9.60
CA ILE A 104 -20.45 -6.98 9.62
C ILE A 104 -20.50 -7.48 11.05
N LYS A 105 -21.25 -8.55 11.28
CA LYS A 105 -21.21 -9.20 12.58
C LYS A 105 -19.78 -9.65 12.89
N TRP A 106 -19.33 -9.38 14.11
CA TRP A 106 -17.93 -9.58 14.45
C TRP A 106 -17.56 -11.05 14.38
N ALA A 107 -16.50 -11.34 13.63
CA ALA A 107 -15.92 -12.67 13.53
C ALA A 107 -14.56 -12.56 12.88
N ASP A 108 -13.58 -13.28 13.40
CA ASP A 108 -12.24 -13.34 12.81
C ASP A 108 -11.58 -11.96 12.73
N ASN A 109 -11.77 -11.15 13.78
CA ASN A 109 -11.08 -9.86 13.95
C ASN A 109 -11.39 -8.88 12.81
N ASN A 110 -12.63 -8.87 12.35
CA ASN A 110 -13.06 -8.03 11.24
C ASN A 110 -13.54 -6.65 11.67
N SER A 111 -13.14 -6.21 12.87
CA SER A 111 -13.59 -4.92 13.37
C SER A 111 -13.15 -3.79 12.46
N TYR A 112 -11.89 -3.79 12.03
CA TYR A 112 -11.41 -2.77 11.10
C TYR A 112 -12.11 -2.87 9.76
N LEU A 113 -12.41 -4.11 9.31
CA LEU A 113 -13.15 -4.28 8.06
C LEU A 113 -14.54 -3.69 8.14
N ALA A 114 -15.25 -3.96 9.24
CA ALA A 114 -16.59 -3.41 9.40
C ALA A 114 -16.55 -1.90 9.43
N THR A 115 -15.56 -1.33 10.13
CA THR A 115 -15.45 0.13 10.17
C THR A 115 -15.17 0.71 8.78
N ALA A 116 -14.28 0.08 8.01
CA ALA A 116 -13.99 0.59 6.67
C ALA A 116 -15.21 0.48 5.76
N LEU A 117 -15.93 -0.64 5.84
CA LEU A 117 -17.15 -0.80 5.05
C LEU A 117 -18.20 0.23 5.42
N LEU A 118 -18.33 0.53 6.72
CA LEU A 118 -19.27 1.55 7.15
C LEU A 118 -18.83 2.94 6.70
N THR A 119 -17.53 3.20 6.67
CA THR A 119 -17.04 4.52 6.25
C THR A 119 -17.28 4.74 4.77
N LEU A 120 -16.96 3.73 3.95
CA LEU A 120 -17.10 3.86 2.51
C LEU A 120 -18.53 4.12 2.08
N GLN A 121 -19.52 3.76 2.91
CA GLN A 121 -20.90 4.00 2.54
C GLN A 121 -21.35 5.42 2.83
N GLN A 122 -20.48 6.22 3.47
CA GLN A 122 -20.87 7.57 3.86
C GLN A 122 -19.99 8.64 3.24
N ILE A 123 -19.09 8.28 2.34
CA ILE A 123 -18.23 9.24 1.66
C ILE A 123 -18.41 9.05 0.16
N GLU A 124 -18.38 10.16 -0.57
CA GLU A 124 -18.48 10.10 -2.03
C GLU A 124 -17.15 9.62 -2.58
N LEU A 125 -17.14 8.44 -3.18
CA LEU A 125 -15.91 7.82 -3.63
C LEU A 125 -16.22 6.97 -4.85
N LYS A 126 -15.28 6.95 -5.78
CA LYS A 126 -15.44 6.22 -7.02
C LYS A 126 -14.22 5.34 -7.24
N PHE A 127 -14.46 4.06 -7.47
CA PHE A 127 -13.39 3.11 -7.69
C PHE A 127 -13.11 2.94 -9.18
N ASN A 128 -11.86 2.58 -9.47
CA ASN A 128 -11.43 2.33 -10.84
C ASN A 128 -11.60 0.86 -11.24
N PRO A 129 -11.17 -0.10 -10.42
CA PRO A 129 -11.41 -1.50 -10.77
C PRO A 129 -12.88 -1.81 -10.90
N PRO A 130 -13.33 -2.34 -12.04
CA PRO A 130 -14.75 -2.70 -12.18
C PRO A 130 -15.18 -3.74 -11.16
N ALA A 131 -14.27 -4.62 -10.74
CA ALA A 131 -14.57 -5.57 -9.68
C ALA A 131 -14.91 -4.84 -8.38
N LEU A 132 -14.10 -3.83 -8.03
CA LEU A 132 -14.36 -3.07 -6.82
C LEU A 132 -15.69 -2.35 -6.90
N GLN A 133 -16.04 -1.80 -8.06
CA GLN A 133 -17.28 -1.04 -8.15
C GLN A 133 -18.50 -1.96 -8.09
N ASP A 134 -18.43 -3.12 -8.78
CA ASP A 134 -19.52 -4.07 -8.70
C ASP A 134 -19.71 -4.58 -7.28
N ALA A 135 -18.62 -4.93 -6.59
CA ALA A 135 -18.74 -5.38 -5.20
C ALA A 135 -19.20 -4.27 -4.28
N TYR A 136 -18.84 -3.02 -4.55
CA TYR A 136 -19.28 -1.87 -3.75
C TYR A 136 -20.78 -1.71 -3.84
N TYR A 137 -21.33 -1.75 -5.06
CA TYR A 137 -22.77 -1.69 -5.21
C TYR A 137 -23.44 -2.86 -4.52
N ARG A 138 -22.88 -4.07 -4.69
CA ARG A 138 -23.52 -5.22 -4.07
C ARG A 138 -23.41 -5.18 -2.56
N ALA A 139 -22.39 -4.50 -2.01
CA ALA A 139 -22.27 -4.34 -0.57
C ALA A 139 -23.28 -3.34 -0.03
N ARG A 140 -23.39 -2.17 -0.68
CA ARG A 140 -24.42 -1.21 -0.30
C ARG A 140 -25.82 -1.82 -0.40
N ALA A 141 -26.00 -2.80 -1.29
CA ALA A 141 -27.25 -3.55 -1.39
C ALA A 141 -27.41 -4.63 -0.33
N GLY A 142 -26.35 -4.95 0.42
CA GLY A 142 -26.42 -5.92 1.50
C GLY A 142 -25.61 -7.19 1.32
N GLU A 143 -25.04 -7.44 0.15
CA GLU A 143 -24.24 -8.64 -0.11
C GLU A 143 -22.78 -8.22 -0.26
N ALA A 144 -22.11 -8.07 0.89
CA ALA A 144 -20.78 -7.49 0.94
C ALA A 144 -19.67 -8.53 1.01
N ALA A 145 -20.00 -9.81 0.82
CA ALA A 145 -19.00 -10.86 0.91
C ALA A 145 -17.89 -10.64 -0.12
N ASN A 146 -18.27 -10.49 -1.38
CA ASN A 146 -17.28 -10.25 -2.42
C ASN A 146 -16.50 -8.97 -2.17
N PHE A 147 -17.16 -7.93 -1.65
CA PHE A 147 -16.47 -6.67 -1.37
C PHE A 147 -15.41 -6.84 -0.28
N CYS A 148 -15.75 -7.56 0.80
CA CYS A 148 -14.79 -7.80 1.88
C CYS A 148 -13.62 -8.64 1.40
N ALA A 149 -13.89 -9.68 0.62
CA ALA A 149 -12.82 -10.51 0.10
C ALA A 149 -11.89 -9.70 -0.81
N LEU A 150 -12.46 -8.83 -1.66
CA LEU A 150 -11.63 -8.01 -2.53
C LEU A 150 -10.77 -7.04 -1.73
N ILE A 151 -11.35 -6.41 -0.71
CA ILE A 151 -10.57 -5.49 0.11
C ILE A 151 -9.42 -6.22 0.78
N LEU A 152 -9.67 -7.45 1.26
CA LEU A 152 -8.60 -8.23 1.83
C LEU A 152 -7.51 -8.53 0.80
N ALA A 153 -7.92 -8.85 -0.44
CA ALA A 153 -6.97 -9.22 -1.48
C ALA A 153 -6.13 -8.03 -1.94
N TYR A 154 -6.73 -6.84 -2.03
CA TYR A 154 -6.01 -5.66 -2.48
C TYR A 154 -5.01 -5.16 -1.44
N CYS A 155 -5.24 -5.48 -0.17
CA CYS A 155 -4.38 -5.03 0.91
C CYS A 155 -3.34 -6.05 1.33
N ASN A 156 -3.30 -7.22 0.69
CA ASN A 156 -2.43 -8.31 1.10
C ASN A 156 -2.62 -8.65 2.58
N LYS A 157 -3.88 -8.66 3.02
CA LYS A 157 -4.27 -9.14 4.33
C LYS A 157 -5.03 -10.45 4.17
N THR A 158 -5.12 -11.21 5.25
CA THR A 158 -5.81 -12.50 5.25
C THR A 158 -6.92 -12.48 6.30
N VAL A 159 -7.86 -13.43 6.17
CA VAL A 159 -8.94 -13.55 7.14
C VAL A 159 -8.37 -14.00 8.48
N GLY A 160 -8.78 -13.31 9.54
CA GLY A 160 -8.32 -13.54 10.88
C GLY A 160 -7.21 -12.58 11.32
N GLU A 161 -6.43 -12.09 10.38
CA GLU A 161 -5.36 -11.14 10.71
C GLU A 161 -5.94 -9.79 11.12
N LEU A 162 -5.37 -9.22 12.18
CA LEU A 162 -5.74 -7.89 12.62
C LEU A 162 -5.31 -6.86 11.58
N GLY A 163 -6.05 -5.75 11.51
CA GLY A 163 -5.80 -4.73 10.51
C GLY A 163 -6.01 -3.34 11.05
N ASP A 164 -5.43 -2.38 10.33
CA ASP A 164 -5.57 -0.96 10.61
C ASP A 164 -6.47 -0.32 9.58
N VAL A 165 -7.43 0.50 10.04
CA VAL A 165 -8.37 1.14 9.11
C VAL A 165 -7.64 2.14 8.22
N ARG A 166 -6.67 2.88 8.76
CA ARG A 166 -5.97 3.86 7.94
C ARG A 166 -5.17 3.19 6.82
N GLU A 167 -4.51 2.06 7.11
CA GLU A 167 -3.79 1.33 6.07
C GLU A 167 -4.75 0.84 4.99
N THR A 168 -5.88 0.26 5.40
CA THR A 168 -6.89 -0.21 4.45
C THR A 168 -7.42 0.93 3.60
N MET A 169 -7.67 2.09 4.22
CA MET A 169 -8.17 3.24 3.49
C MET A 169 -7.15 3.72 2.47
N SER A 170 -5.87 3.69 2.83
CA SER A 170 -4.83 4.05 1.86
C SER A 170 -4.83 3.11 0.67
N TYR A 171 -4.79 1.79 0.94
CA TYR A 171 -4.79 0.81 -0.15
C TYR A 171 -5.99 1.01 -1.07
N LEU A 172 -7.18 1.26 -0.51
CA LEU A 172 -8.37 1.42 -1.34
C LEU A 172 -8.38 2.76 -2.06
N PHE A 173 -7.80 3.81 -1.47
CA PHE A 173 -7.74 5.10 -2.14
C PHE A 173 -6.79 5.05 -3.32
N GLN A 174 -5.80 4.15 -3.30
CA GLN A 174 -4.93 3.98 -4.46
C GLN A 174 -5.72 3.52 -5.68
N HIS A 175 -6.73 2.69 -5.46
CA HIS A 175 -7.62 2.21 -6.50
C HIS A 175 -8.88 3.07 -6.67
N ALA A 176 -8.85 4.33 -6.19
CA ALA A 176 -9.97 5.25 -6.29
C ALA A 176 -9.64 6.39 -7.25
N ASN A 177 -10.67 7.13 -7.66
CA ASN A 177 -10.49 8.22 -8.62
C ASN A 177 -10.31 9.56 -7.89
N LEU A 178 -9.18 9.68 -7.22
CA LEU A 178 -8.82 10.91 -6.53
C LEU A 178 -8.05 11.86 -7.45
N ASP A 179 -8.56 12.05 -8.66
CA ASP A 179 -7.90 12.86 -9.67
C ASP A 179 -8.00 14.35 -9.35
N SER A 180 -9.22 14.88 -9.42
CA SER A 180 -9.44 16.30 -9.15
C SER A 180 -8.93 16.70 -7.76
N CYS A 181 -8.91 15.75 -6.82
CA CYS A 181 -8.47 16.02 -5.46
C CYS A 181 -7.08 16.65 -5.42
N LYS A 182 -6.96 17.76 -4.68
CA LYS A 182 -5.74 18.54 -4.56
C LYS A 182 -5.70 19.22 -3.18
N ARG A 183 -4.49 19.39 -2.65
CA ARG A 183 -4.29 19.97 -1.33
C ARG A 183 -3.09 20.91 -1.38
N VAL A 184 -3.24 22.11 -0.82
CA VAL A 184 -2.19 23.12 -0.81
C VAL A 184 -1.96 23.58 0.63
N LEU A 185 -0.70 23.51 1.08
CA LEU A 185 -0.31 23.75 2.46
C LEU A 185 0.84 24.74 2.53
N ASN A 186 0.92 25.49 3.63
CA ASN A 186 1.97 26.48 3.87
C ASN A 186 2.66 26.19 5.20
N VAL A 187 3.98 26.04 5.17
CA VAL A 187 4.80 25.84 6.37
C VAL A 187 5.34 27.19 6.85
N VAL A 188 4.93 27.60 8.06
CA VAL A 188 5.36 28.85 8.66
C VAL A 188 6.52 28.59 9.61
N CYS A 189 7.68 29.16 9.28
CA CYS A 189 8.87 29.12 10.13
C CYS A 189 9.85 30.11 9.53
N LYS A 190 10.67 30.73 10.39
CA LYS A 190 11.64 31.70 9.88
C LYS A 190 12.57 31.08 8.85
N THR A 191 12.96 29.82 9.06
CA THR A 191 13.70 29.08 8.04
C THR A 191 12.96 29.05 6.71
N CYS A 192 11.70 28.61 6.74
CA CYS A 192 10.89 28.41 5.55
C CYS A 192 10.26 29.72 5.09
N GLY A 193 10.78 30.28 4.00
CA GLY A 193 10.27 31.53 3.48
C GLY A 193 9.74 31.37 2.07
N GLN A 194 9.45 30.12 1.70
CA GLN A 194 8.94 29.79 0.38
C GLN A 194 8.27 28.42 0.40
N GLN A 195 7.40 28.18 1.38
CA GLN A 195 6.73 26.88 1.50
C GLN A 195 5.29 26.98 1.02
N GLN A 196 5.05 26.47 -0.18
CA GLN A 196 3.72 26.35 -0.77
C GLN A 196 3.67 24.95 -1.36
N THR A 197 3.44 23.96 -0.50
CA THR A 197 3.45 22.57 -0.92
C THR A 197 2.11 22.20 -1.53
N THR A 198 2.15 21.52 -2.67
CA THR A 198 0.95 21.07 -3.37
C THR A 198 1.00 19.55 -3.52
N LEU A 199 -0.07 18.87 -3.12
CA LEU A 199 -0.15 17.43 -3.13
C LEU A 199 -1.40 16.99 -3.89
N LYS A 200 -1.24 15.95 -4.69
CA LYS A 200 -2.33 15.34 -5.43
C LYS A 200 -2.25 13.83 -5.22
N GLY A 201 -3.40 13.19 -5.28
CA GLY A 201 -3.45 11.77 -5.02
C GLY A 201 -3.99 11.46 -3.64
N VAL A 202 -3.62 10.28 -3.16
CA VAL A 202 -4.03 9.83 -1.83
C VAL A 202 -3.68 10.88 -0.78
N GLU A 203 -2.44 11.39 -0.81
CA GLU A 203 -1.98 12.37 0.17
C GLU A 203 -2.73 13.70 0.11
N ALA A 204 -3.60 13.88 -0.88
CA ALA A 204 -4.45 15.07 -0.94
C ALA A 204 -5.67 14.96 -0.04
N VAL A 205 -6.05 13.75 0.36
CA VAL A 205 -7.25 13.56 1.18
C VAL A 205 -6.93 12.95 2.54
N MET A 206 -5.67 12.60 2.82
CA MET A 206 -5.30 11.96 4.06
C MET A 206 -4.29 12.81 4.83
N TYR A 207 -4.37 12.73 6.15
CA TYR A 207 -3.40 13.40 7.00
C TYR A 207 -3.32 12.67 8.34
N MET A 208 -2.11 12.56 8.88
CA MET A 208 -1.85 11.91 10.17
C MET A 208 -1.17 12.92 11.09
N GLY A 209 -1.85 13.28 12.17
CA GLY A 209 -1.31 14.25 13.10
C GLY A 209 -2.36 14.78 14.05
N THR A 210 -3.47 15.26 13.51
CA THR A 210 -4.55 15.80 14.31
C THR A 210 -5.88 15.30 13.76
N LEU A 211 -6.87 15.24 14.64
CA LEU A 211 -8.21 14.80 14.27
C LEU A 211 -9.09 15.94 13.86
N SER A 212 -8.85 17.14 14.39
CA SER A 212 -9.70 18.28 14.10
C SER A 212 -9.36 18.88 12.74
N TYR A 213 -10.38 19.01 11.90
CA TYR A 213 -10.23 19.63 10.59
C TYR A 213 -10.14 21.15 10.72
N GLU A 214 -10.91 21.73 11.65
CA GLU A 214 -10.82 23.16 11.88
C GLU A 214 -9.46 23.54 12.47
N GLN A 215 -8.94 22.72 13.39
CA GLN A 215 -7.59 22.97 13.91
C GLN A 215 -6.55 22.80 12.83
N PHE A 216 -6.82 21.96 11.83
CA PHE A 216 -5.93 21.84 10.68
C PHE A 216 -5.97 23.08 9.79
N LYS A 217 -7.15 23.68 9.62
CA LYS A 217 -7.26 24.91 8.85
C LYS A 217 -6.57 26.08 9.55
N LYS A 218 -6.75 26.21 10.87
CA LYS A 218 -6.14 27.30 11.61
C LYS A 218 -4.62 27.15 11.65
N GLY A 219 -4.13 26.00 12.10
CA GLY A 219 -2.71 25.74 12.19
C GLY A 219 -2.38 24.74 13.27
N VAL A 220 -1.39 23.88 13.00
CA VAL A 220 -0.92 22.89 13.95
C VAL A 220 0.61 22.86 13.92
N GLN A 221 1.19 22.32 14.97
CA GLN A 221 2.65 22.29 15.11
C GLN A 221 3.24 21.06 14.42
N ILE A 222 4.33 21.27 13.71
CA ILE A 222 4.99 20.16 13.02
C ILE A 222 5.73 19.30 14.04
N PRO A 223 5.73 17.97 13.94
CA PRO A 223 6.53 17.15 14.87
C PRO A 223 8.02 17.38 14.71
N CYS A 224 8.45 18.63 14.80
CA CYS A 224 9.88 18.94 14.69
C CYS A 224 10.60 18.44 15.94
N THR A 225 11.67 17.67 15.74
CA THR A 225 12.44 17.17 16.88
C THR A 225 13.20 18.30 17.55
N CYS A 226 13.40 19.42 16.86
CA CYS A 226 14.09 20.57 17.42
C CYS A 226 13.15 21.53 18.14
N GLY A 227 11.87 21.54 17.79
CA GLY A 227 10.96 22.51 18.38
C GLY A 227 11.10 23.92 17.86
N LYS A 228 11.22 24.08 16.53
CA LYS A 228 11.38 25.39 15.90
C LYS A 228 10.06 26.14 15.74
N GLN A 229 9.02 25.73 16.45
CA GLN A 229 7.68 26.31 16.33
C GLN A 229 7.26 26.41 14.86
N ALA A 230 7.51 25.33 14.12
CA ALA A 230 7.09 25.25 12.73
C ALA A 230 5.59 25.05 12.66
N THR A 231 4.91 25.95 11.94
CA THR A 231 3.46 25.95 11.85
C THR A 231 3.01 25.40 10.49
N LYS A 232 1.88 24.70 10.50
CA LYS A 232 1.33 24.11 9.28
C LYS A 232 -0.16 24.39 9.25
N TYR A 233 -0.63 25.02 8.16
CA TYR A 233 -2.05 25.29 8.00
C TYR A 233 -2.46 24.96 6.58
N LEU A 234 -3.75 24.68 6.42
CA LEU A 234 -4.31 24.30 5.12
C LEU A 234 -4.60 25.57 4.32
N VAL A 235 -4.01 25.68 3.15
CA VAL A 235 -4.25 26.83 2.28
C VAL A 235 -5.45 26.59 1.37
N GLN A 236 -5.46 25.46 0.67
CA GLN A 236 -6.56 25.14 -0.24
C GLN A 236 -6.86 23.65 -0.21
N GLN A 237 -8.15 23.31 -0.29
CA GLN A 237 -8.57 21.91 -0.33
C GLN A 237 -9.65 21.76 -1.40
N GLU A 238 -9.44 20.84 -2.33
CA GLU A 238 -10.44 20.53 -3.36
C GLU A 238 -10.55 19.01 -3.42
N SER A 239 -11.54 18.47 -2.68
CA SER A 239 -11.75 17.03 -2.64
C SER A 239 -13.14 16.79 -2.08
N PRO A 240 -13.78 15.67 -2.41
CA PRO A 240 -15.12 15.40 -1.86
C PRO A 240 -15.11 15.08 -0.37
N PHE A 241 -13.95 14.78 0.20
CA PHE A 241 -13.84 14.46 1.62
C PHE A 241 -12.38 14.59 2.06
N VAL A 242 -12.18 14.57 3.38
CA VAL A 242 -10.85 14.54 4.00
C VAL A 242 -10.87 13.57 5.17
N MET A 243 -9.75 12.88 5.39
CA MET A 243 -9.62 11.93 6.48
C MET A 243 -8.48 12.37 7.39
N MET A 244 -8.82 12.77 8.61
CA MET A 244 -7.87 13.20 9.62
C MET A 244 -7.59 12.03 10.57
N SER A 245 -6.32 11.63 10.67
CA SER A 245 -5.92 10.53 11.52
C SER A 245 -4.96 11.01 12.60
N ALA A 246 -5.00 10.34 13.74
CA ALA A 246 -4.09 10.60 14.85
C ALA A 246 -3.99 9.34 15.69
N PRO A 247 -2.89 9.16 16.43
CA PRO A 247 -2.83 8.06 17.40
C PRO A 247 -4.04 8.07 18.31
N PRO A 248 -4.53 6.90 18.71
CA PRO A 248 -5.76 6.83 19.51
C PRO A 248 -5.69 7.71 20.74
N ALA A 249 -6.57 8.71 20.79
CA ALA A 249 -6.55 9.68 21.88
C ALA A 249 -7.97 9.96 22.30
N GLN A 250 -8.14 10.30 23.57
CA GLN A 250 -9.45 10.69 24.09
C GLN A 250 -9.93 11.96 23.41
N TYR A 251 -10.98 11.87 22.60
CA TYR A 251 -11.46 12.96 21.77
C TYR A 251 -12.95 13.09 21.93
N GLU A 252 -13.43 14.32 21.82
CA GLU A 252 -14.84 14.65 21.96
C GLU A 252 -15.43 14.86 20.57
N LEU A 253 -16.36 13.99 20.18
CA LEU A 253 -17.00 14.07 18.88
C LEU A 253 -18.28 14.89 19.02
N LYS A 254 -18.30 16.06 18.41
CA LYS A 254 -19.43 16.96 18.45
C LYS A 254 -20.38 16.68 17.29
N HIS A 255 -21.66 16.53 17.59
CA HIS A 255 -22.63 16.24 16.55
C HIS A 255 -22.66 17.35 15.51
N GLY A 256 -22.87 16.95 14.26
CA GLY A 256 -22.95 17.87 13.13
C GLY A 256 -21.63 18.45 12.66
N THR A 257 -20.51 18.14 13.30
CA THR A 257 -19.21 18.70 12.93
C THR A 257 -18.35 17.72 12.12
N PHE A 258 -18.86 16.54 11.80
CA PHE A 258 -18.10 15.55 11.05
C PHE A 258 -19.09 14.60 10.37
N THR A 259 -18.56 13.73 9.49
CA THR A 259 -19.37 12.73 8.80
C THR A 259 -19.39 11.40 9.57
N CYS A 260 -18.22 10.84 9.84
CA CYS A 260 -18.09 9.62 10.62
C CYS A 260 -16.67 9.57 11.17
N ALA A 261 -16.44 8.64 12.08
CA ALA A 261 -15.16 8.56 12.77
C ALA A 261 -14.95 7.14 13.29
N SER A 262 -13.70 6.84 13.61
CA SER A 262 -13.30 5.51 14.03
C SER A 262 -12.74 5.57 15.46
N GLU A 263 -13.29 4.74 16.34
CA GLU A 263 -12.82 4.57 17.70
C GLU A 263 -12.05 3.27 17.80
N TYR A 264 -10.92 3.30 18.51
CA TYR A 264 -10.10 2.11 18.71
C TYR A 264 -9.82 1.95 20.20
N THR A 265 -10.37 0.90 20.80
CA THR A 265 -10.18 0.62 22.22
C THR A 265 -9.26 -0.58 22.37
N GLY A 266 -8.06 -0.34 22.89
CA GLY A 266 -7.12 -1.40 23.14
C GLY A 266 -5.70 -0.90 22.91
N ASN A 267 -4.77 -1.87 22.93
CA ASN A 267 -3.36 -1.59 22.69
C ASN A 267 -3.06 -1.78 21.21
N TYR A 268 -1.77 -1.85 20.88
CA TYR A 268 -1.37 -1.91 19.46
C TYR A 268 -1.67 -3.27 18.85
N GLN A 269 -1.33 -4.36 19.54
CA GLN A 269 -1.48 -5.70 19.00
C GLN A 269 -2.82 -6.34 19.35
N CYS A 270 -3.69 -5.64 20.07
CA CYS A 270 -4.99 -6.20 20.42
C CYS A 270 -5.94 -5.05 20.69
N GLY A 271 -6.92 -4.84 19.82
CA GLY A 271 -7.87 -3.77 20.04
C GLY A 271 -9.16 -4.05 19.29
N HIS A 272 -10.11 -3.14 19.46
CA HIS A 272 -11.40 -3.28 18.81
C HIS A 272 -11.80 -1.95 18.21
N TYR A 273 -12.20 -1.99 16.93
CA TYR A 273 -12.70 -0.84 16.21
C TYR A 273 -14.21 -0.71 16.33
N LYS A 274 -14.68 0.51 16.58
CA LYS A 274 -16.09 0.86 16.51
C LYS A 274 -16.24 2.08 15.59
N HIS A 275 -17.42 2.23 15.03
CA HIS A 275 -17.69 3.28 14.05
C HIS A 275 -18.70 4.24 14.64
N ILE A 276 -18.41 5.54 14.55
CA ILE A 276 -19.31 6.60 15.01
C ILE A 276 -19.78 7.38 13.79
N THR A 277 -21.08 7.58 13.69
CA THR A 277 -21.67 8.32 12.58
C THR A 277 -22.58 9.42 13.14
N SER A 278 -22.69 10.51 12.37
CA SER A 278 -23.49 11.68 12.73
C SER A 278 -24.71 11.70 11.82
N LYS A 279 -25.89 11.49 12.41
CA LYS A 279 -27.15 11.60 11.67
C LYS A 279 -27.95 12.71 12.35
N GLU A 280 -29.17 12.44 12.81
CA GLU A 280 -29.85 13.41 13.68
C GLU A 280 -29.25 13.45 15.07
N THR A 281 -28.60 12.35 15.49
CA THR A 281 -27.85 12.28 16.73
C THR A 281 -26.63 11.40 16.48
N LEU A 282 -25.85 11.14 17.53
CA LEU A 282 -24.62 10.35 17.38
C LEU A 282 -24.91 8.86 17.55
N TYR A 283 -24.45 8.05 16.58
CA TYR A 283 -24.67 6.61 16.58
C TYR A 283 -23.34 5.86 16.61
N CYS A 284 -23.25 4.83 17.46
CA CYS A 284 -22.08 3.95 17.57
C CYS A 284 -22.44 2.55 17.10
N ILE A 285 -21.81 2.11 16.01
CA ILE A 285 -22.00 0.79 15.43
C ILE A 285 -20.77 -0.05 15.76
N ASP A 286 -21.00 -1.18 16.41
CA ASP A 286 -19.94 -2.12 16.79
C ASP A 286 -20.36 -3.50 16.29
N GLY A 287 -19.84 -3.89 15.14
CA GLY A 287 -20.28 -5.14 14.54
C GLY A 287 -21.76 -5.06 14.19
N ALA A 288 -22.54 -5.97 14.75
CA ALA A 288 -23.98 -5.96 14.55
C ALA A 288 -24.72 -5.13 15.58
N LEU A 289 -24.02 -4.55 16.55
CA LEU A 289 -24.65 -3.82 17.64
C LEU A 289 -24.70 -2.33 17.34
N LEU A 290 -25.74 -1.67 17.87
CA LEU A 290 -25.96 -0.25 17.61
C LEU A 290 -26.38 0.45 18.91
N THR A 291 -25.75 1.60 19.17
CA THR A 291 -26.06 2.46 20.31
C THR A 291 -26.23 3.91 19.82
N LYS A 292 -26.97 4.73 20.57
CA LYS A 292 -27.16 6.14 20.24
C LYS A 292 -26.96 7.01 21.47
N SER A 293 -26.60 8.26 21.24
CA SER A 293 -26.45 9.26 22.30
C SER A 293 -26.38 10.63 21.65
N SER A 294 -26.53 11.67 22.45
CA SER A 294 -26.48 13.03 21.95
C SER A 294 -25.05 13.57 21.90
N GLU A 295 -24.18 13.04 22.76
CA GLU A 295 -22.78 13.43 22.82
C GLU A 295 -21.91 12.18 22.85
N TYR A 296 -20.62 12.36 22.61
CA TYR A 296 -19.72 11.22 22.60
C TYR A 296 -18.31 11.69 22.92
N LYS A 297 -17.63 10.95 23.79
CA LYS A 297 -16.23 11.15 24.09
C LYS A 297 -15.59 9.77 24.21
N GLY A 298 -14.60 9.50 23.37
CA GLY A 298 -13.98 8.18 23.35
C GLY A 298 -12.59 8.20 22.74
N PRO A 299 -11.92 7.03 22.72
CA PRO A 299 -10.59 6.95 22.09
C PRO A 299 -10.67 6.96 20.57
N ILE A 300 -10.63 8.14 19.96
CA ILE A 300 -10.76 8.28 18.51
C ILE A 300 -9.38 8.20 17.86
N THR A 301 -9.35 7.68 16.62
CA THR A 301 -8.13 7.61 15.82
C THR A 301 -8.29 8.09 14.37
N ASP A 302 -9.49 8.08 13.79
CA ASP A 302 -9.75 8.54 12.43
C ASP A 302 -11.06 9.32 12.42
N VAL A 303 -11.10 10.42 11.68
CA VAL A 303 -12.30 11.24 11.53
C VAL A 303 -12.43 11.64 10.06
N PHE A 304 -13.63 11.48 9.49
CA PHE A 304 -13.87 11.84 8.10
C PHE A 304 -14.77 13.07 8.02
N TYR A 305 -14.42 14.00 7.13
CA TYR A 305 -15.20 15.23 6.94
C TYR A 305 -15.57 15.40 5.47
N LYS A 306 -16.78 15.91 5.23
CA LYS A 306 -17.19 16.28 3.89
C LYS A 306 -16.47 17.56 3.45
N GLU A 307 -16.23 17.66 2.15
CA GLU A 307 -15.54 18.82 1.60
C GLU A 307 -15.93 18.96 0.13
N ASN A 308 -15.70 20.15 -0.40
CA ASN A 308 -15.87 20.40 -1.83
C ASN A 308 -14.79 21.35 -2.31
N SER A 309 -14.76 22.56 -1.74
CA SER A 309 -13.70 23.52 -2.05
C SER A 309 -13.57 24.48 -0.87
N TYR A 310 -12.42 24.45 -0.21
CA TYR A 310 -12.08 25.33 0.90
C TYR A 310 -10.87 26.17 0.55
N THR A 311 -10.97 27.48 0.83
CA THR A 311 -9.86 28.42 0.65
C THR A 311 -9.58 29.11 1.98
N THR A 312 -8.30 29.16 2.37
CA THR A 312 -7.94 29.71 3.66
C THR A 312 -8.09 31.23 3.67
N THR A 313 -8.12 31.78 4.88
CA THR A 313 -8.17 33.21 5.09
C THR A 313 -6.85 33.81 5.56
N ILE A 314 -5.87 32.98 5.90
CA ILE A 314 -4.60 33.44 6.45
C ILE A 314 -3.67 33.86 5.32
N LYS A 315 -3.29 35.14 5.31
CA LYS A 315 -2.32 35.68 4.37
C LYS A 315 -0.90 35.50 4.90
N PRO A 316 0.06 35.08 4.05
CA PRO A 316 1.44 34.82 4.48
C PRO A 316 2.19 36.06 4.96
N VAL B 2 7.83 36.15 -34.53
CA VAL B 2 7.58 34.95 -33.74
C VAL B 2 8.49 33.82 -34.20
N ARG B 3 9.33 33.34 -33.29
CA ARG B 3 10.28 32.27 -33.57
C ARG B 3 9.81 30.93 -33.01
N THR B 4 10.46 29.86 -33.48
CA THR B 4 10.08 28.49 -33.19
C THR B 4 11.33 27.63 -33.04
N ILE B 5 11.24 26.58 -32.22
CA ILE B 5 12.33 25.63 -32.07
C ILE B 5 11.82 24.20 -32.12
N LYS B 6 12.75 23.27 -32.31
CA LYS B 6 12.46 21.84 -32.31
C LYS B 6 12.93 21.24 -30.98
N VAL B 7 12.03 20.52 -30.30
CA VAL B 7 12.33 19.85 -29.05
C VAL B 7 11.81 18.41 -29.12
N PHE B 8 12.07 17.65 -28.05
CA PHE B 8 11.53 16.31 -27.89
C PHE B 8 10.62 16.27 -26.67
N THR B 9 9.56 15.47 -26.75
CA THR B 9 8.67 15.24 -25.63
C THR B 9 8.57 13.75 -25.36
N THR B 10 8.43 13.39 -24.08
CA THR B 10 8.38 11.99 -23.70
C THR B 10 7.62 11.84 -22.39
N VAL B 11 7.22 10.59 -22.14
CA VAL B 11 6.67 10.21 -20.84
C VAL B 11 7.51 9.13 -20.15
N ASP B 12 8.45 8.51 -20.85
CA ASP B 12 9.27 7.45 -20.29
C ASP B 12 10.78 7.64 -20.48
N ASN B 13 11.20 8.75 -21.10
CA ASN B 13 12.59 9.03 -21.45
C ASN B 13 13.17 7.98 -22.40
N ILE B 14 12.33 7.12 -22.99
CA ILE B 14 12.76 6.10 -23.95
C ILE B 14 12.18 6.39 -25.34
N ASN B 15 10.85 6.56 -25.43
CA ASN B 15 10.19 6.88 -26.69
C ASN B 15 10.03 8.39 -26.78
N LEU B 16 10.87 9.02 -27.60
CA LEU B 16 10.81 10.47 -27.80
C LEU B 16 9.94 10.82 -28.99
N HIS B 17 9.32 12.00 -28.92
CA HIS B 17 8.43 12.49 -29.97
C HIS B 17 8.91 13.88 -30.37
N THR B 18 9.25 14.04 -31.65
CA THR B 18 9.68 15.34 -32.15
C THR B 18 8.52 16.32 -32.12
N GLN B 19 8.79 17.54 -31.66
CA GLN B 19 7.76 18.56 -31.52
C GLN B 19 8.31 19.91 -31.96
N VAL B 20 7.51 20.64 -32.74
CA VAL B 20 7.81 22.02 -33.07
C VAL B 20 7.07 22.89 -32.06
N VAL B 21 7.81 23.74 -31.35
CA VAL B 21 7.27 24.54 -30.26
C VAL B 21 7.39 26.02 -30.61
N ASP B 22 6.27 26.73 -30.49
CA ASP B 22 6.19 28.18 -30.66
C ASP B 22 6.74 28.88 -29.42
N MET B 23 7.73 29.76 -29.65
CA MET B 23 8.41 30.45 -28.57
C MET B 23 7.65 31.68 -28.06
N SER B 24 6.51 32.01 -28.65
CA SER B 24 5.69 33.13 -28.19
C SER B 24 4.63 32.70 -27.18
N MET B 25 4.52 31.40 -26.92
CA MET B 25 3.59 30.82 -25.95
C MET B 25 4.40 30.17 -24.84
N THR B 26 3.71 29.66 -23.83
CA THR B 26 4.35 28.89 -22.78
C THR B 26 4.19 27.40 -23.07
N TYR B 27 5.07 26.60 -22.44
CA TYR B 27 4.99 25.15 -22.63
C TYR B 27 3.67 24.59 -22.13
N GLY B 28 3.07 25.21 -21.12
CA GLY B 28 1.79 24.75 -20.62
C GLY B 28 0.67 24.94 -21.62
N GLN B 29 0.73 26.00 -22.42
CA GLN B 29 -0.33 26.26 -23.39
C GLN B 29 -0.30 25.27 -24.56
N GLN B 30 0.89 24.81 -24.95
CA GLN B 30 1.02 23.94 -26.12
C GLN B 30 1.13 22.46 -25.78
N PHE B 31 1.62 22.11 -24.60
CA PHE B 31 1.77 20.71 -24.19
C PHE B 31 0.99 20.34 -22.95
N GLY B 32 0.60 21.31 -22.13
CA GLY B 32 0.10 21.02 -20.81
C GLY B 32 1.23 21.11 -19.81
N PRO B 33 1.06 20.48 -18.65
CA PRO B 33 2.13 20.48 -17.64
C PRO B 33 3.40 19.83 -18.18
N THR B 34 4.46 20.63 -18.26
CA THR B 34 5.73 20.22 -18.86
C THR B 34 6.84 20.31 -17.81
N TYR B 35 7.71 19.29 -17.79
CA TYR B 35 8.81 19.22 -16.85
C TYR B 35 10.12 19.00 -17.58
N LEU B 36 11.18 19.67 -17.10
CA LEU B 36 12.53 19.51 -17.63
C LEU B 36 13.44 19.09 -16.49
N ASP B 37 13.72 17.78 -16.39
CA ASP B 37 14.58 17.21 -15.36
C ASP B 37 14.13 17.59 -13.95
N GLY B 38 12.83 17.44 -13.70
CA GLY B 38 12.24 17.74 -12.41
C GLY B 38 11.76 19.17 -12.25
N ALA B 39 12.24 20.10 -13.08
CA ALA B 39 11.81 21.49 -12.99
C ALA B 39 10.52 21.71 -13.77
N ASP B 40 9.61 22.46 -13.18
CA ASP B 40 8.33 22.77 -13.82
C ASP B 40 8.49 23.92 -14.80
N VAL B 41 8.20 23.67 -16.07
CA VAL B 41 8.35 24.69 -17.10
C VAL B 41 7.00 24.96 -17.78
N THR B 42 5.90 24.76 -17.04
CA THR B 42 4.57 25.02 -17.57
C THR B 42 4.36 26.51 -17.85
N LYS B 43 4.88 27.37 -16.97
CA LYS B 43 4.68 28.81 -17.09
C LYS B 43 5.78 29.49 -17.90
N ILE B 44 6.79 28.76 -18.36
CA ILE B 44 7.92 29.34 -19.06
C ILE B 44 7.76 29.11 -20.55
N LYS B 45 8.20 30.09 -21.35
CA LYS B 45 8.20 30.09 -22.81
C LYS B 45 9.50 29.49 -23.34
N PRO B 46 9.45 28.78 -24.47
CA PRO B 46 10.64 28.13 -25.01
C PRO B 46 11.79 29.11 -25.21
N HIS B 47 12.94 28.78 -24.65
CA HIS B 47 14.18 29.52 -24.86
C HIS B 47 15.00 28.85 -25.94
N ASN B 48 15.90 29.62 -26.56
CA ASN B 48 16.76 29.05 -27.60
C ASN B 48 17.65 27.95 -27.06
N SER B 49 18.06 28.05 -25.79
CA SER B 49 18.87 26.99 -25.19
C SER B 49 18.09 25.68 -25.04
N HIS B 50 16.75 25.74 -24.99
CA HIS B 50 15.93 24.54 -24.88
C HIS B 50 15.86 23.75 -26.17
N GLU B 51 16.45 24.23 -27.26
CA GLU B 51 16.41 23.51 -28.53
C GLU B 51 17.13 22.19 -28.43
N GLY B 52 16.50 21.13 -28.96
CA GLY B 52 17.08 19.80 -28.91
C GLY B 52 17.01 19.12 -27.56
N LYS B 53 16.36 19.73 -26.58
CA LYS B 53 16.24 19.13 -25.25
C LYS B 53 14.95 18.33 -25.14
N THR B 54 14.93 17.40 -24.17
CA THR B 54 13.81 16.51 -23.98
C THR B 54 13.00 16.94 -22.76
N PHE B 55 11.68 16.96 -22.92
CA PHE B 55 10.76 17.44 -21.88
C PHE B 55 9.75 16.36 -21.55
N TYR B 56 9.42 16.24 -20.25
CA TYR B 56 8.37 15.36 -19.79
C TYR B 56 7.03 16.09 -19.86
N VAL B 57 5.99 15.36 -20.29
CA VAL B 57 4.64 15.91 -20.36
C VAL B 57 3.66 14.89 -19.77
N LEU B 58 2.45 15.36 -19.47
CA LEU B 58 1.46 14.42 -18.98
C LEU B 58 0.89 13.60 -20.14
N PRO B 59 0.49 12.36 -19.86
CA PRO B 59 -0.15 11.54 -20.90
C PRO B 59 -1.49 12.13 -21.34
N ASN B 60 -1.45 13.10 -22.25
CA ASN B 60 -2.67 13.76 -22.70
C ASN B 60 -3.38 12.94 -23.78
N ASP B 61 -2.63 12.31 -24.69
CA ASP B 61 -3.20 11.47 -25.74
C ASP B 61 -3.04 9.99 -25.39
N ASP B 62 -3.62 9.14 -26.24
CA ASP B 62 -3.68 7.71 -25.93
C ASP B 62 -2.30 7.05 -26.04
N THR B 63 -1.49 7.44 -27.02
CA THR B 63 -0.16 6.85 -27.17
C THR B 63 0.70 7.15 -25.94
N LEU B 64 0.63 8.38 -25.43
CA LEU B 64 1.39 8.72 -24.23
C LEU B 64 0.90 7.93 -23.02
N ARG B 65 -0.42 7.73 -22.89
CA ARG B 65 -0.94 6.90 -21.80
C ARG B 65 -0.43 5.47 -21.90
N VAL B 66 -0.40 4.91 -23.12
CA VAL B 66 0.08 3.54 -23.30
C VAL B 66 1.55 3.44 -22.93
N GLU B 67 2.37 4.40 -23.39
CA GLU B 67 3.79 4.38 -23.06
C GLU B 67 4.01 4.54 -21.55
N ALA B 68 3.30 5.48 -20.92
CA ALA B 68 3.49 5.72 -19.50
C ALA B 68 3.05 4.52 -18.67
N PHE B 69 1.99 3.83 -19.08
CA PHE B 69 1.58 2.65 -18.34
C PHE B 69 2.55 1.49 -18.57
N GLU B 70 3.03 1.31 -19.81
CA GLU B 70 4.01 0.25 -20.06
C GLU B 70 5.28 0.45 -19.25
N TYR B 71 5.65 1.70 -18.97
CA TYR B 71 6.88 1.96 -18.22
C TYR B 71 6.68 1.98 -16.71
N TYR B 72 5.57 2.54 -16.21
CA TYR B 72 5.42 2.75 -14.78
C TYR B 72 4.43 1.82 -14.10
N HIS B 73 3.55 1.16 -14.86
CA HIS B 73 2.55 0.23 -14.32
C HIS B 73 1.59 0.93 -13.35
N THR B 74 1.03 2.06 -13.79
CA THR B 74 0.03 2.75 -12.99
C THR B 74 -0.82 3.65 -13.89
N THR B 75 -2.08 3.80 -13.49
CA THR B 75 -3.02 4.67 -14.18
C THR B 75 -3.14 6.05 -13.52
N ASP B 76 -2.61 6.22 -12.31
CA ASP B 76 -2.68 7.46 -11.55
C ASP B 76 -2.14 8.62 -12.36
N PRO B 77 -2.99 9.58 -12.73
CA PRO B 77 -2.49 10.73 -13.52
C PRO B 77 -1.56 11.64 -12.73
N SER B 78 -1.69 11.68 -11.40
CA SER B 78 -0.84 12.49 -10.55
C SER B 78 0.55 11.91 -10.37
N PHE B 79 0.77 10.67 -10.84
CA PHE B 79 2.04 9.99 -10.61
C PHE B 79 3.22 10.81 -11.11
N LEU B 80 3.11 11.38 -12.31
CA LEU B 80 4.23 12.12 -12.88
C LEU B 80 4.56 13.35 -12.04
N GLY B 81 3.53 14.06 -11.55
CA GLY B 81 3.80 15.22 -10.72
C GLY B 81 4.54 14.88 -9.45
N ARG B 82 4.09 13.83 -8.76
CA ARG B 82 4.75 13.40 -7.54
C ARG B 82 6.18 12.92 -7.81
N TYR B 83 6.38 12.19 -8.91
CA TYR B 83 7.71 11.71 -9.27
C TYR B 83 8.68 12.86 -9.54
N MET B 84 8.22 13.86 -10.30
CA MET B 84 9.09 15.01 -10.60
C MET B 84 9.38 15.84 -9.36
N SER B 85 8.38 16.05 -8.49
CA SER B 85 8.62 16.81 -7.26
C SER B 85 9.62 16.08 -6.37
N ALA B 86 9.51 14.77 -6.26
CA ALA B 86 10.49 14.01 -5.48
C ALA B 86 11.87 14.09 -6.12
N LEU B 87 11.94 13.98 -7.45
CA LEU B 87 13.23 14.03 -8.14
C LEU B 87 13.92 15.37 -7.95
N ASN B 88 13.14 16.46 -7.91
CA ASN B 88 13.72 17.80 -7.75
C ASN B 88 14.59 17.90 -6.50
N HIS B 89 14.28 17.10 -5.47
CA HIS B 89 15.10 17.06 -4.26
C HIS B 89 16.07 15.89 -4.24
N THR B 90 15.65 14.70 -4.68
CA THR B 90 16.54 13.53 -4.62
C THR B 90 17.72 13.64 -5.59
N LYS B 91 17.61 14.48 -6.63
CA LYS B 91 18.75 14.73 -7.49
C LYS B 91 19.84 15.52 -6.78
N LYS B 92 19.49 16.19 -5.67
CA LYS B 92 20.41 16.99 -4.88
C LYS B 92 21.04 16.23 -3.72
N TRP B 93 20.65 14.97 -3.51
CA TRP B 93 21.21 14.15 -2.45
C TRP B 93 22.55 13.56 -2.88
N LYS B 94 23.28 13.04 -1.90
CA LYS B 94 24.56 12.37 -2.13
C LYS B 94 24.39 10.87 -1.90
N TYR B 95 25.00 10.06 -2.77
CA TYR B 95 24.85 8.61 -2.74
C TYR B 95 26.24 7.97 -2.72
N PRO B 96 26.88 7.92 -1.56
CA PRO B 96 28.25 7.41 -1.47
C PRO B 96 28.29 5.88 -1.46
N GLN B 97 29.35 5.35 -2.05
CA GLN B 97 29.62 3.92 -2.00
C GLN B 97 30.13 3.56 -0.61
N VAL B 98 29.32 2.85 0.16
CA VAL B 98 29.63 2.48 1.53
C VAL B 98 29.67 0.95 1.61
N ASN B 99 30.89 0.40 1.68
CA ASN B 99 31.08 -1.05 1.84
C ASN B 99 30.47 -1.84 0.68
N GLY B 100 30.69 -1.38 -0.54
CA GLY B 100 30.22 -2.05 -1.75
C GLY B 100 28.78 -1.83 -2.11
N LEU B 101 28.03 -1.05 -1.32
CA LEU B 101 26.63 -0.75 -1.57
C LEU B 101 26.42 0.75 -1.69
N THR B 102 25.38 1.15 -2.43
CA THR B 102 25.02 2.55 -2.61
C THR B 102 24.08 2.99 -1.49
N SER B 103 24.48 4.03 -0.76
CA SER B 103 23.69 4.58 0.34
C SER B 103 23.18 5.97 -0.04
N ILE B 104 22.62 6.68 0.95
CA ILE B 104 22.09 8.03 0.77
C ILE B 104 22.54 8.87 1.94
N LYS B 105 23.23 9.98 1.67
CA LYS B 105 23.55 10.95 2.72
C LYS B 105 22.26 11.49 3.34
N TRP B 106 22.22 11.53 4.66
CA TRP B 106 20.98 11.86 5.35
C TRP B 106 20.58 13.31 5.11
N ALA B 107 19.34 13.51 4.66
CA ALA B 107 18.73 14.82 4.45
C ALA B 107 17.24 14.61 4.24
N ASP B 108 16.43 15.46 4.87
CA ASP B 108 14.97 15.42 4.74
C ASP B 108 14.39 14.09 5.20
N ASN B 109 14.93 13.56 6.30
CA ASN B 109 14.39 12.38 6.99
C ASN B 109 14.35 11.15 6.10
N ASN B 110 15.40 10.98 5.28
CA ASN B 110 15.48 9.87 4.35
C ASN B 110 16.12 8.64 4.97
N SER B 111 16.13 8.55 6.30
CA SER B 111 16.74 7.42 6.98
C SER B 111 16.08 6.11 6.57
N TYR B 112 14.75 6.08 6.55
CA TYR B 112 14.06 4.88 6.09
C TYR B 112 14.33 4.61 4.62
N LEU B 113 14.44 5.67 3.81
CA LEU B 113 14.78 5.50 2.40
C LEU B 113 16.17 4.91 2.23
N ALA B 114 17.15 5.43 2.98
CA ALA B 114 18.51 4.90 2.90
C ALA B 114 18.54 3.44 3.34
N THR B 115 17.84 3.11 4.43
CA THR B 115 17.81 1.71 4.89
C THR B 115 17.17 0.79 3.85
N ALA B 116 16.06 1.22 3.24
CA ALA B 116 15.42 0.39 2.24
C ALA B 116 16.29 0.21 1.00
N LEU B 117 16.95 1.29 0.55
CA LEU B 117 17.84 1.18 -0.60
C LEU B 117 18.99 0.24 -0.33
N LEU B 118 19.53 0.28 0.90
CA LEU B 118 20.61 -0.64 1.25
C LEU B 118 20.10 -2.08 1.32
N THR B 119 18.86 -2.27 1.79
CA THR B 119 18.30 -3.61 1.89
C THR B 119 18.05 -4.22 0.52
N LEU B 120 17.47 -3.45 -0.41
CA LEU B 120 17.11 -3.97 -1.72
C LEU B 120 18.32 -4.48 -2.48
N GLN B 121 19.53 -4.03 -2.14
CA GLN B 121 20.75 -4.46 -2.81
C GLN B 121 21.29 -5.79 -2.31
N GLN B 122 20.69 -6.38 -1.27
CA GLN B 122 21.20 -7.61 -0.69
C GLN B 122 20.23 -8.77 -0.75
N ILE B 123 19.11 -8.60 -1.44
CA ILE B 123 18.12 -9.66 -1.62
C ILE B 123 17.83 -9.81 -3.10
N GLU B 124 17.59 -11.05 -3.53
CA GLU B 124 17.25 -11.32 -4.92
C GLU B 124 15.80 -10.87 -5.17
N LEU B 125 15.62 -9.84 -6.00
CA LEU B 125 14.30 -9.28 -6.24
C LEU B 125 14.25 -8.64 -7.62
N LYS B 126 13.12 -8.80 -8.30
CA LYS B 126 12.92 -8.25 -9.64
C LYS B 126 11.60 -7.51 -9.68
N PHE B 127 11.62 -6.29 -10.20
CA PHE B 127 10.43 -5.47 -10.30
C PHE B 127 9.74 -5.69 -11.63
N ASN B 128 8.44 -5.44 -11.65
CA ASN B 128 7.65 -5.59 -12.85
C ASN B 128 7.66 -4.29 -13.66
N PRO B 129 7.45 -3.12 -13.05
CA PRO B 129 7.57 -1.86 -13.81
C PRO B 129 8.96 -1.70 -14.39
N PRO B 130 9.07 -1.52 -15.71
CA PRO B 130 10.40 -1.28 -16.30
C PRO B 130 11.08 -0.02 -15.76
N ALA B 131 10.30 0.99 -15.38
CA ALA B 131 10.88 2.18 -14.75
C ALA B 131 11.56 1.81 -13.44
N LEU B 132 10.88 1.03 -12.61
CA LEU B 132 11.46 0.60 -11.34
C LEU B 132 12.72 -0.23 -11.56
N GLN B 133 12.71 -1.12 -12.57
CA GLN B 133 13.87 -1.99 -12.78
C GLN B 133 15.07 -1.20 -13.33
N ASP B 134 14.82 -0.30 -14.29
CA ASP B 134 15.90 0.54 -14.81
C ASP B 134 16.47 1.44 -13.73
N ALA B 135 15.60 2.06 -12.91
CA ALA B 135 16.09 2.89 -11.81
C ALA B 135 16.80 2.06 -10.75
N TYR B 136 16.40 0.80 -10.55
CA TYR B 136 17.08 -0.09 -9.62
C TYR B 136 18.50 -0.37 -10.07
N TYR B 137 18.67 -0.71 -11.36
CA TYR B 137 20.00 -0.96 -11.89
C TYR B 137 20.85 0.31 -11.80
N ARG B 138 20.28 1.46 -12.18
CA ARG B 138 21.04 2.71 -12.13
C ARG B 138 21.37 3.13 -10.70
N ALA B 139 20.55 2.73 -9.72
CA ALA B 139 20.84 3.01 -8.33
C ALA B 139 21.95 2.11 -7.80
N ARG B 140 21.89 0.82 -8.12
CA ARG B 140 23.01 -0.06 -7.79
C ARG B 140 24.30 0.42 -8.42
N ALA B 141 24.20 1.14 -9.56
CA ALA B 141 25.36 1.74 -10.20
C ALA B 141 25.80 3.04 -9.53
N GLY B 142 25.01 3.59 -8.61
CA GLY B 142 25.35 4.79 -7.88
C GLY B 142 24.47 5.99 -8.16
N GLU B 143 23.55 5.90 -9.11
CA GLU B 143 22.68 7.01 -9.48
C GLU B 143 21.26 6.69 -9.00
N ALA B 144 21.02 6.94 -7.72
CA ALA B 144 19.78 6.52 -7.07
C ALA B 144 18.76 7.65 -6.98
N ALA B 145 19.02 8.78 -7.62
CA ALA B 145 18.08 9.90 -7.54
C ALA B 145 16.73 9.52 -8.15
N ASN B 146 16.75 9.02 -9.39
CA ASN B 146 15.51 8.61 -10.03
C ASN B 146 14.85 7.47 -9.26
N PHE B 147 15.65 6.55 -8.72
CA PHE B 147 15.10 5.44 -7.96
C PHE B 147 14.42 5.92 -6.68
N CYS B 148 15.04 6.83 -5.93
CA CYS B 148 14.41 7.34 -4.72
C CYS B 148 13.13 8.10 -5.04
N ALA B 149 13.16 8.92 -6.10
CA ALA B 149 11.95 9.64 -6.48
C ALA B 149 10.84 8.67 -6.86
N LEU B 150 11.18 7.61 -7.60
CA LEU B 150 10.16 6.63 -7.97
C LEU B 150 9.60 5.93 -6.74
N ILE B 151 10.47 5.55 -5.80
CA ILE B 151 9.99 4.89 -4.58
C ILE B 151 9.06 5.82 -3.81
N LEU B 152 9.41 7.11 -3.73
CA LEU B 152 8.54 8.07 -3.06
C LEU B 152 7.20 8.15 -3.78
N ALA B 153 7.21 8.14 -5.10
CA ALA B 153 5.95 8.24 -5.85
C ALA B 153 5.11 6.99 -5.68
N TYR B 154 5.74 5.82 -5.66
CA TYR B 154 4.99 4.56 -5.53
C TYR B 154 4.41 4.39 -4.13
N CYS B 155 5.02 5.01 -3.13
CA CYS B 155 4.55 4.90 -1.75
C CYS B 155 3.66 6.06 -1.34
N ASN B 156 3.39 7.01 -2.25
CA ASN B 156 2.64 8.23 -1.93
C ASN B 156 3.24 8.92 -0.72
N LYS B 157 4.57 8.97 -0.67
CA LYS B 157 5.31 9.74 0.31
C LYS B 157 5.94 10.93 -0.37
N THR B 158 6.33 11.91 0.44
CA THR B 158 6.95 13.12 -0.04
C THR B 158 8.34 13.26 0.59
N VAL B 159 9.15 14.12 -0.03
CA VAL B 159 10.47 14.39 0.51
C VAL B 159 10.32 15.15 1.83
N GLY B 160 11.03 14.69 2.86
CA GLY B 160 10.94 15.28 4.18
C GLY B 160 10.02 14.53 5.13
N GLU B 161 9.00 13.87 4.61
CA GLU B 161 8.10 13.10 5.45
C GLU B 161 8.80 11.85 6.00
N LEU B 162 8.59 11.59 7.29
CA LEU B 162 9.11 10.37 7.89
C LEU B 162 8.39 9.15 7.32
N GLY B 163 9.08 8.02 7.31
CA GLY B 163 8.54 6.82 6.72
C GLY B 163 8.89 5.59 7.54
N ASP B 164 8.11 4.54 7.30
CA ASP B 164 8.31 3.25 7.91
C ASP B 164 8.90 2.31 6.88
N VAL B 165 9.92 1.56 7.28
CA VAL B 165 10.61 0.68 6.33
C VAL B 165 9.69 -0.45 5.88
N ARG B 166 8.90 -1.02 6.81
CA ARG B 166 8.02 -2.12 6.45
C ARG B 166 6.92 -1.69 5.47
N GLU B 167 6.35 -0.50 5.68
CA GLU B 167 5.33 0.01 4.76
C GLU B 167 5.91 0.20 3.37
N THR B 168 7.08 0.83 3.28
CA THR B 168 7.74 1.03 1.99
C THR B 168 8.06 -0.30 1.33
N MET B 169 8.52 -1.27 2.12
CA MET B 169 8.82 -2.59 1.58
C MET B 169 7.56 -3.28 1.05
N SER B 170 6.44 -3.13 1.75
CA SER B 170 5.17 -3.68 1.24
C SER B 170 4.79 -3.05 -0.08
N TYR B 171 4.80 -1.72 -0.12
CA TYR B 171 4.47 -1.01 -1.36
C TYR B 171 5.35 -1.46 -2.52
N LEU B 172 6.64 -1.64 -2.28
CA LEU B 172 7.52 -2.05 -3.37
C LEU B 172 7.34 -3.52 -3.71
N PHE B 173 7.02 -4.37 -2.73
CA PHE B 173 6.82 -5.79 -3.02
C PHE B 173 5.55 -6.01 -3.82
N GLN B 174 4.57 -5.11 -3.71
CA GLN B 174 3.42 -5.23 -4.62
C GLN B 174 3.85 -5.08 -6.07
N HIS B 175 4.84 -4.23 -6.32
CA HIS B 175 5.37 -4.00 -7.65
C HIS B 175 6.54 -4.94 -7.99
N ALA B 176 6.66 -6.06 -7.29
CA ALA B 176 7.73 -7.03 -7.50
C ALA B 176 7.16 -8.33 -8.05
N ASN B 177 8.05 -9.18 -8.58
CA ASN B 177 7.67 -10.46 -9.19
C ASN B 177 7.83 -11.58 -8.16
N LEU B 178 6.93 -11.57 -7.18
CA LEU B 178 6.90 -12.59 -6.12
C LEU B 178 6.08 -13.81 -6.53
N ASP B 179 6.36 -14.34 -7.72
CA ASP B 179 5.61 -15.47 -8.27
C ASP B 179 5.96 -16.77 -7.56
N SER B 180 7.19 -17.24 -7.75
CA SER B 180 7.61 -18.49 -7.12
C SER B 180 7.48 -18.45 -5.60
N CYS B 181 7.58 -17.26 -5.01
CA CYS B 181 7.48 -17.10 -3.56
C CYS B 181 6.20 -17.69 -3.01
N LYS B 182 6.34 -18.53 -1.98
CA LYS B 182 5.20 -19.19 -1.38
C LYS B 182 5.55 -19.52 0.06
N ARG B 183 4.53 -19.50 0.94
CA ARG B 183 4.72 -19.74 2.36
C ARG B 183 3.60 -20.61 2.90
N VAL B 184 3.95 -21.63 3.69
CA VAL B 184 2.96 -22.53 4.29
C VAL B 184 3.19 -22.56 5.79
N LEU B 185 2.12 -22.28 6.55
CA LEU B 185 2.19 -22.13 8.00
C LEU B 185 1.13 -23.02 8.65
N ASN B 186 1.41 -23.47 9.86
CA ASN B 186 0.48 -24.31 10.60
C ASN B 186 0.23 -23.68 11.96
N VAL B 187 -1.03 -23.42 12.26
CA VAL B 187 -1.44 -22.96 13.59
C VAL B 187 -1.86 -24.19 14.39
N VAL B 188 -1.07 -24.56 15.39
CA VAL B 188 -1.36 -25.70 16.24
C VAL B 188 -1.97 -25.20 17.55
N CYS B 189 -3.23 -25.57 17.79
CA CYS B 189 -3.92 -25.19 19.01
C CYS B 189 -5.18 -26.02 19.15
N LYS B 190 -5.63 -26.18 20.40
CA LYS B 190 -6.84 -26.94 20.72
C LYS B 190 -8.05 -26.48 19.93
N THR B 191 -8.01 -25.27 19.34
CA THR B 191 -9.10 -24.82 18.48
C THR B 191 -9.36 -25.82 17.37
N CYS B 192 -8.32 -26.18 16.62
CA CYS B 192 -8.40 -27.13 15.53
C CYS B 192 -6.98 -27.41 15.06
N GLY B 193 -6.79 -28.59 14.47
CA GLY B 193 -5.48 -28.92 13.92
C GLY B 193 -5.44 -28.62 12.44
N GLN B 194 -6.61 -28.56 11.81
CA GLN B 194 -6.70 -28.21 10.39
C GLN B 194 -6.52 -26.70 10.22
N GLN B 195 -5.27 -26.25 10.42
CA GLN B 195 -4.91 -24.84 10.24
C GLN B 195 -3.61 -24.85 9.44
N GLN B 196 -3.74 -25.09 8.14
CA GLN B 196 -2.63 -25.14 7.19
C GLN B 196 -2.83 -24.02 6.19
N THR B 197 -2.37 -22.83 6.55
CA THR B 197 -2.52 -21.65 5.71
C THR B 197 -1.43 -21.60 4.65
N THR B 198 -1.83 -21.25 3.43
CA THR B 198 -0.91 -21.09 2.31
C THR B 198 -1.02 -19.66 1.81
N LEU B 199 0.12 -18.98 1.69
CA LEU B 199 0.18 -17.56 1.37
C LEU B 199 1.11 -17.35 0.18
N LYS B 200 0.66 -16.48 -0.74
CA LYS B 200 1.44 -16.05 -1.88
C LYS B 200 1.33 -14.53 -1.98
N GLY B 201 2.37 -13.91 -2.52
CA GLY B 201 2.41 -12.47 -2.58
C GLY B 201 3.34 -11.89 -1.53
N VAL B 202 3.06 -10.63 -1.18
CA VAL B 202 3.85 -9.97 -0.14
C VAL B 202 3.85 -10.81 1.13
N GLU B 203 2.68 -11.31 1.53
CA GLU B 203 2.55 -12.09 2.76
C GLU B 203 3.31 -13.40 2.73
N ALA B 204 3.91 -13.78 1.60
CA ALA B 204 4.75 -14.97 1.57
C ALA B 204 6.17 -14.70 2.08
N VAL B 205 6.61 -13.44 2.08
CA VAL B 205 7.95 -13.07 2.51
C VAL B 205 7.94 -12.13 3.70
N MET B 206 6.78 -11.73 4.20
CA MET B 206 6.66 -10.79 5.29
C MET B 206 5.98 -11.42 6.49
N TYR B 207 6.36 -10.96 7.67
CA TYR B 207 5.71 -11.40 8.90
C TYR B 207 5.87 -10.30 9.93
N MET B 208 4.83 -10.12 10.75
CA MET B 208 4.79 -9.10 11.80
C MET B 208 4.61 -9.83 13.12
N GLY B 209 5.65 -9.81 13.96
CA GLY B 209 5.58 -10.46 15.25
C GLY B 209 6.90 -10.71 15.94
N THR B 210 7.84 -11.35 15.26
CA THR B 210 9.13 -11.65 15.87
C THR B 210 10.23 -11.41 14.84
N LEU B 211 11.43 -11.14 15.36
CA LEU B 211 12.59 -10.86 14.51
C LEU B 211 13.41 -12.11 14.20
N SER B 212 13.40 -13.10 15.07
CA SER B 212 14.22 -14.29 14.89
C SER B 212 13.56 -15.22 13.88
N TYR B 213 14.31 -15.60 12.84
CA TYR B 213 13.79 -16.52 11.84
C TYR B 213 13.78 -17.95 12.36
N GLU B 214 14.79 -18.33 13.14
CA GLU B 214 14.80 -19.66 13.74
C GLU B 214 13.70 -19.79 14.78
N GLN B 215 13.45 -18.74 15.56
CA GLN B 215 12.33 -18.78 16.49
C GLN B 215 11.00 -18.81 15.74
N PHE B 216 10.96 -18.26 14.53
CA PHE B 216 9.77 -18.36 13.70
C PHE B 216 9.58 -19.78 13.20
N LYS B 217 10.67 -20.48 12.87
CA LYS B 217 10.57 -21.88 12.49
C LYS B 217 10.13 -22.74 13.66
N LYS B 218 10.66 -22.47 14.85
CA LYS B 218 10.32 -23.25 16.04
C LYS B 218 8.87 -23.03 16.42
N GLY B 219 8.48 -21.78 16.61
CA GLY B 219 7.12 -21.47 16.99
C GLY B 219 7.03 -20.19 17.79
N VAL B 220 5.98 -19.42 17.56
CA VAL B 220 5.72 -18.18 18.29
C VAL B 220 4.25 -18.13 18.65
N GLN B 221 3.92 -17.34 19.66
CA GLN B 221 2.56 -17.25 20.15
C GLN B 221 1.79 -16.19 19.37
N ILE B 222 0.55 -16.52 19.02
CA ILE B 222 -0.31 -15.57 18.29
C ILE B 222 -0.82 -14.51 19.28
N PRO B 223 -0.88 -13.23 18.88
CA PRO B 223 -1.46 -12.21 19.77
C PRO B 223 -2.95 -12.42 20.04
N CYS B 224 -3.30 -13.60 20.54
CA CYS B 224 -4.70 -13.88 20.84
C CYS B 224 -5.14 -13.06 22.06
N THR B 225 -6.28 -12.38 21.91
CA THR B 225 -6.82 -11.58 23.01
C THR B 225 -7.30 -12.45 24.17
N CYS B 226 -7.54 -13.74 23.92
CA CYS B 226 -7.95 -14.67 24.96
C CYS B 226 -6.80 -15.31 25.70
N GLY B 227 -5.62 -15.38 25.10
CA GLY B 227 -4.47 -16.04 25.70
C GLY B 227 -4.54 -17.56 25.68
N LYS B 228 -4.98 -18.14 24.56
CA LYS B 228 -5.07 -19.59 24.44
C LYS B 228 -3.74 -20.23 24.06
N GLN B 229 -2.65 -19.49 24.20
CA GLN B 229 -1.31 -19.96 23.85
C GLN B 229 -1.29 -20.67 22.49
N ALA B 230 -1.91 -20.02 21.51
CA ALA B 230 -1.92 -20.54 20.15
C ALA B 230 -0.53 -20.43 19.54
N THR B 231 -0.04 -21.54 18.98
CA THR B 231 1.30 -21.63 18.45
C THR B 231 1.28 -21.55 16.93
N LYS B 232 2.32 -20.91 16.39
CA LYS B 232 2.45 -20.70 14.95
C LYS B 232 3.89 -21.02 14.56
N TYR B 233 4.07 -21.93 13.59
CA TYR B 233 5.41 -22.25 13.12
C TYR B 233 5.39 -22.36 11.60
N LEU B 234 6.56 -22.16 11.01
CA LEU B 234 6.72 -22.18 9.56
C LEU B 234 6.87 -23.62 9.09
N VAL B 235 5.98 -24.05 8.20
CA VAL B 235 6.04 -25.40 7.64
C VAL B 235 6.90 -25.44 6.40
N GLN B 236 6.64 -24.54 5.45
CA GLN B 236 7.41 -24.51 4.21
C GLN B 236 7.65 -23.07 3.79
N GLN B 237 8.84 -22.80 3.28
CA GLN B 237 9.20 -21.48 2.78
C GLN B 237 9.91 -21.64 1.45
N GLU B 238 9.42 -20.97 0.41
CA GLU B 238 10.05 -20.98 -0.91
C GLU B 238 10.13 -19.54 -1.38
N SER B 239 11.26 -18.89 -1.11
CA SER B 239 11.46 -17.50 -1.48
C SER B 239 12.94 -17.20 -1.40
N PRO B 240 13.44 -16.22 -2.18
CA PRO B 240 14.87 -15.88 -2.10
C PRO B 240 15.29 -15.22 -0.80
N PHE B 241 14.33 -14.72 -0.01
CA PHE B 241 14.61 -14.06 1.27
C PHE B 241 13.34 -14.03 2.09
N VAL B 242 13.48 -13.68 3.36
CA VAL B 242 12.35 -13.47 4.26
C VAL B 242 12.61 -12.23 5.09
N MET B 243 11.54 -11.49 5.39
CA MET B 243 11.61 -10.26 6.18
C MET B 243 10.80 -10.46 7.45
N MET B 244 11.50 -10.53 8.59
CA MET B 244 10.86 -10.66 9.89
C MET B 244 10.80 -9.29 10.55
N SER B 245 9.60 -8.85 10.91
CA SER B 245 9.40 -7.56 11.53
C SER B 245 8.84 -7.73 12.94
N ALA B 246 9.19 -6.79 13.81
CA ALA B 246 8.67 -6.72 15.17
C ALA B 246 8.73 -5.27 15.61
N PRO B 247 7.89 -4.85 16.55
CA PRO B 247 8.02 -3.50 17.13
C PRO B 247 9.43 -3.29 17.63
N PRO B 248 9.97 -2.05 17.51
CA PRO B 248 11.37 -1.78 17.86
C PRO B 248 11.73 -2.27 19.25
N ALA B 249 12.65 -3.22 19.32
CA ALA B 249 13.01 -3.84 20.59
C ALA B 249 14.53 -4.05 20.64
N GLN B 250 15.07 -4.03 21.86
CA GLN B 250 16.48 -4.32 22.05
C GLN B 250 16.76 -5.75 21.62
N TYR B 251 17.56 -5.92 20.56
CA TYR B 251 17.82 -7.20 19.94
C TYR B 251 19.31 -7.38 19.75
N GLU B 252 19.75 -8.62 19.85
CA GLU B 252 21.16 -8.99 19.71
C GLU B 252 21.36 -9.57 18.31
N LEU B 253 22.13 -8.86 17.48
CA LEU B 253 22.42 -9.31 16.12
C LEU B 253 23.72 -10.10 16.12
N LYS B 254 23.63 -11.39 15.83
CA LYS B 254 24.80 -12.25 15.76
C LYS B 254 25.34 -12.24 14.33
N HIS B 255 26.64 -11.97 14.19
CA HIS B 255 27.25 -11.87 12.87
C HIS B 255 27.15 -13.19 12.13
N GLY B 256 26.97 -13.10 10.81
CA GLY B 256 26.87 -14.25 9.94
C GLY B 256 25.56 -15.00 10.00
N THR B 257 24.61 -14.59 10.84
CA THR B 257 23.34 -15.28 10.97
C THR B 257 22.20 -14.56 10.25
N PHE B 258 22.50 -13.48 9.53
CA PHE B 258 21.48 -12.72 8.82
C PHE B 258 22.15 -11.96 7.69
N THR B 259 21.31 -11.38 6.84
CA THR B 259 21.78 -10.57 5.72
C THR B 259 21.89 -9.10 6.10
N CYS B 260 20.80 -8.51 6.57
CA CYS B 260 20.79 -7.12 7.01
C CYS B 260 19.62 -6.90 7.95
N ALA B 261 19.61 -5.74 8.60
CA ALA B 261 18.61 -5.42 9.61
C ALA B 261 18.47 -3.90 9.74
N SER B 262 17.35 -3.49 10.33
CA SER B 262 17.00 -2.09 10.48
C SER B 262 16.90 -1.73 11.95
N GLU B 263 17.62 -0.68 12.35
CA GLU B 263 17.55 -0.12 13.69
C GLU B 263 16.77 1.19 13.66
N TYR B 264 15.91 1.40 14.65
CA TYR B 264 15.11 2.62 14.74
C TYR B 264 15.28 3.21 16.13
N THR B 265 15.90 4.38 16.21
CA THR B 265 16.13 5.06 17.48
C THR B 265 15.22 6.29 17.55
N GLY B 266 14.25 6.25 18.45
CA GLY B 266 13.35 7.38 18.66
C GLY B 266 11.96 6.89 19.04
N ASN B 267 11.03 7.84 19.08
CA ASN B 267 9.64 7.54 19.40
C ASN B 267 8.87 7.28 18.10
N TYR B 268 7.54 7.28 18.18
CA TYR B 268 6.75 6.93 17.01
C TYR B 268 6.78 8.05 15.98
N GLN B 269 6.60 9.29 16.41
CA GLN B 269 6.50 10.43 15.53
C GLN B 269 7.85 11.13 15.28
N CYS B 270 8.94 10.60 15.84
CA CYS B 270 10.27 11.19 15.62
C CYS B 270 11.29 10.11 15.89
N GLY B 271 11.98 9.66 14.84
CA GLY B 271 13.00 8.64 15.01
C GLY B 271 13.99 8.69 13.87
N HIS B 272 14.99 7.81 13.97
CA HIS B 272 16.05 7.73 12.97
C HIS B 272 16.32 6.28 12.63
N TYR B 273 16.35 5.97 11.34
CA TYR B 273 16.69 4.64 10.85
C TYR B 273 18.18 4.52 10.57
N LYS B 274 18.76 3.41 11.02
CA LYS B 274 20.13 3.02 10.67
C LYS B 274 20.09 1.61 10.12
N HIS B 275 21.09 1.27 9.31
CA HIS B 275 21.13 -0.01 8.63
C HIS B 275 22.32 -0.82 9.15
N ILE B 276 22.09 -2.09 9.49
CA ILE B 276 23.16 -2.98 9.93
C ILE B 276 23.30 -4.10 8.90
N THR B 277 24.53 -4.34 8.46
CA THR B 277 24.82 -5.38 7.48
C THR B 277 25.93 -6.30 7.98
N SER B 278 25.86 -7.56 7.55
CA SER B 278 26.81 -8.60 7.92
C SER B 278 27.68 -8.95 6.71
N LYS B 279 28.96 -8.59 6.79
CA LYS B 279 29.93 -8.95 5.76
C LYS B 279 31.01 -9.76 6.47
N GLU B 280 32.27 -9.33 6.42
CA GLU B 280 33.28 -9.93 7.28
C GLU B 280 33.11 -9.51 8.73
N THR B 281 32.49 -8.36 8.98
CA THR B 281 32.13 -7.92 10.32
C THR B 281 30.80 -7.15 10.22
N LEU B 282 30.35 -6.61 11.35
CA LEU B 282 29.09 -5.89 11.37
C LEU B 282 29.32 -4.42 11.04
N TYR B 283 28.53 -3.90 10.10
CA TYR B 283 28.65 -2.51 9.67
C TYR B 283 27.34 -1.79 9.93
N CYS B 284 27.43 -0.60 10.52
CA CYS B 284 26.28 0.26 10.78
C CYS B 284 26.40 1.49 9.90
N ILE B 285 25.45 1.64 8.97
CA ILE B 285 25.39 2.77 8.05
C ILE B 285 24.29 3.71 8.52
N ASP B 286 24.65 4.97 8.74
CA ASP B 286 23.72 6.02 9.17
C ASP B 286 23.88 7.17 8.18
N GLY B 287 23.00 7.22 7.20
CA GLY B 287 23.12 8.20 6.14
C GLY B 287 24.40 7.94 5.36
N ALA B 288 25.27 8.95 5.31
CA ALA B 288 26.57 8.82 4.67
C ALA B 288 27.65 8.33 5.62
N LEU B 289 27.32 8.14 6.89
CA LEU B 289 28.30 7.77 7.91
C LEU B 289 28.35 6.26 8.08
N LEU B 290 29.53 5.74 8.46
CA LEU B 290 29.76 4.31 8.59
C LEU B 290 30.55 4.00 9.84
N THR B 291 30.10 3.00 10.59
CA THR B 291 30.81 2.47 11.75
C THR B 291 30.89 0.96 11.61
N LYS B 292 31.87 0.36 12.28
CA LYS B 292 32.04 -1.09 12.24
C LYS B 292 32.28 -1.62 13.65
N SER B 293 31.90 -2.89 13.85
CA SER B 293 32.10 -3.58 15.10
C SER B 293 31.86 -5.07 14.85
N SER B 294 32.32 -5.88 15.80
CA SER B 294 32.17 -7.33 15.69
C SER B 294 30.84 -7.84 16.25
N GLU B 295 30.25 -7.12 17.20
CA GLU B 295 28.98 -7.50 17.81
C GLU B 295 28.06 -6.29 17.83
N TYR B 296 26.77 -6.54 18.05
CA TYR B 296 25.81 -5.45 18.05
C TYR B 296 24.57 -5.84 18.84
N LYS B 297 24.11 -4.91 19.68
CA LYS B 297 22.84 -5.02 20.39
C LYS B 297 22.17 -3.65 20.35
N GLY B 298 20.99 -3.58 19.73
CA GLY B 298 20.32 -2.32 19.55
C GLY B 298 18.83 -2.42 19.30
N PRO B 299 18.15 -1.26 19.18
CA PRO B 299 16.72 -1.28 18.90
C PRO B 299 16.39 -1.66 17.46
N ILE B 300 16.23 -2.97 17.20
CA ILE B 300 15.96 -3.49 15.87
C ILE B 300 14.46 -3.59 15.66
N THR B 301 14.05 -3.43 14.40
CA THR B 301 12.65 -3.58 13.99
C THR B 301 12.44 -4.48 12.78
N ASP B 302 13.43 -4.66 11.92
CA ASP B 302 13.32 -5.53 10.76
C ASP B 302 14.62 -6.29 10.59
N VAL B 303 14.52 -7.59 10.26
CA VAL B 303 15.70 -8.41 10.00
C VAL B 303 15.42 -9.23 8.75
N PHE B 304 16.37 -9.26 7.83
CA PHE B 304 16.24 -9.99 6.58
C PHE B 304 17.16 -11.21 6.58
N TYR B 305 16.61 -12.34 6.11
CA TYR B 305 17.36 -13.60 6.05
C TYR B 305 17.32 -14.15 4.64
N LYS B 306 18.43 -14.76 4.21
CA LYS B 306 18.43 -15.47 2.93
C LYS B 306 17.65 -16.78 3.06
N GLU B 307 17.02 -17.19 1.95
CA GLU B 307 16.23 -18.40 1.91
C GLU B 307 16.19 -18.90 0.48
N ASN B 308 15.85 -20.18 0.33
CA ASN B 308 15.63 -20.78 -0.98
C ASN B 308 14.47 -21.77 -0.91
N SER B 309 14.63 -22.78 -0.07
CA SER B 309 13.56 -23.74 0.19
C SER B 309 13.81 -24.36 1.56
N TYR B 310 12.93 -24.08 2.50
CA TYR B 310 12.99 -24.62 3.85
C TYR B 310 11.75 -25.46 4.10
N THR B 311 11.95 -26.65 4.64
CA THR B 311 10.85 -27.54 5.03
C THR B 311 11.03 -27.90 6.49
N THR B 312 9.94 -27.78 7.26
CA THR B 312 10.02 -27.99 8.70
C THR B 312 10.25 -29.46 9.03
N THR B 313 10.67 -29.70 10.27
CA THR B 313 10.88 -31.04 10.78
C THR B 313 9.75 -31.50 11.67
N ILE B 314 8.81 -30.62 11.99
CA ILE B 314 7.73 -30.93 12.93
C ILE B 314 6.62 -31.67 12.19
N LYS B 315 6.37 -32.91 12.60
CA LYS B 315 5.23 -33.67 12.09
C LYS B 315 3.98 -33.34 12.91
N PRO B 316 2.82 -33.14 12.24
CA PRO B 316 1.59 -32.74 12.92
C PRO B 316 1.06 -33.78 13.90
#